data_2CSC
#
_entry.id   2CSC
#
_cell.length_a   104.000
_cell.length_b   78.100
_cell.length_c   58.300
_cell.angle_alpha   90.00
_cell.angle_beta   78.90
_cell.angle_gamma   90.00
#
_symmetry.space_group_name_H-M   'C 1 2 1'
#
loop_
_entity.id
_entity.type
_entity.pdbx_description
1 polymer 'CITRATE SYNTHASE'
2 non-polymer 'CARBOXYMETHYL COENZYME *A'
3 non-polymer D-MALATE
4 water water
#
_entity_poly.entity_id   1
_entity_poly.type   'polypeptide(L)'
_entity_poly.pdbx_seq_one_letter_code
;ASSTNLKDVLAALIPKEQARIKTFRQQHGGTALGQITVDMSYGGMRGMKGLVYETSVLDPDEGIRFRGFSIPECQKLLPK
GG(UNK)GGEPLPEGLFWLLVTGQIPTGAQVSWLSKEWAKRAALPSHVVTMLDNFPTNLHPMSQLSAAITALNSESNFAR
AYAEGILRTKYWEMVYESAMDLIAKLPCVAAKIYRNLYRAGSSIGAIDSKLDWSHNFTNMLGYTDAQFTELMRLYLTIHS
DHEGGNVSAHTSHLVGSALSDPYLSFAAAMNGLAGPLHGLANQEVLGWLAQLQKA(UNK)(UNK)(UNK)AGADASLRDY
IWNTLNSGRVVPGYGHAVLRKTDPRYTCQREFALKHLPGDPMFKLVAQLYKIVPNVLLEQGAAANPWPNVDAHSGVLLQY
YGMTEMNYYTVLFGVSRALGVLAQLIWSRALGFPLERPKSMSTDGLIAL
;
_entity_poly.pdbx_strand_id   A
#
# COMPACT_ATOMS: atom_id res chain seq x y z
N ALA A 1 16.78 22.12 -24.79
CA ALA A 1 16.18 21.06 -25.58
C ALA A 1 15.48 20.03 -24.72
N SER A 2 14.83 19.09 -25.45
CA SER A 2 14.08 17.90 -25.00
C SER A 2 12.76 18.05 -24.22
N SER A 3 12.18 16.84 -23.95
CA SER A 3 10.87 16.39 -23.35
C SER A 3 10.96 15.65 -21.98
N THR A 4 9.89 14.94 -21.40
CA THR A 4 9.85 14.38 -19.99
C THR A 4 10.65 13.10 -19.65
N ASN A 5 11.31 13.06 -18.50
CA ASN A 5 12.00 11.81 -18.09
C ASN A 5 12.33 11.81 -16.64
N LEU A 6 11.52 11.08 -15.90
CA LEU A 6 11.70 11.01 -14.48
C LEU A 6 13.12 10.62 -14.12
N LYS A 7 13.75 9.78 -14.92
CA LYS A 7 15.07 9.34 -14.52
C LYS A 7 16.09 10.46 -14.52
N ASP A 8 15.94 11.41 -15.46
CA ASP A 8 16.82 12.55 -15.60
C ASP A 8 16.66 13.53 -14.44
N VAL A 9 15.44 13.64 -13.96
CA VAL A 9 15.16 14.50 -12.82
C VAL A 9 15.82 13.89 -11.60
N LEU A 10 15.58 12.61 -11.45
CA LEU A 10 16.19 11.91 -10.35
C LEU A 10 17.69 12.11 -10.30
N ALA A 11 18.35 12.00 -11.48
CA ALA A 11 19.79 12.18 -11.66
C ALA A 11 20.25 13.54 -11.17
N ALA A 12 19.34 14.49 -11.22
CA ALA A 12 19.70 15.82 -10.80
C ALA A 12 19.56 16.04 -9.27
N LEU A 13 18.47 15.43 -8.72
CA LEU A 13 18.00 15.38 -7.32
C LEU A 13 18.98 14.53 -6.39
N ILE A 14 19.33 13.25 -6.72
CA ILE A 14 20.22 12.33 -5.95
C ILE A 14 21.48 12.97 -5.30
N PRO A 15 22.37 13.59 -6.09
CA PRO A 15 23.54 14.24 -5.51
C PRO A 15 23.28 15.28 -4.45
N LYS A 16 22.25 16.08 -4.69
CA LYS A 16 21.94 17.18 -3.75
C LYS A 16 21.52 16.61 -2.39
N GLU A 17 20.70 15.57 -2.43
CA GLU A 17 20.22 14.95 -1.22
C GLU A 17 21.33 14.29 -0.46
N GLN A 18 22.16 13.65 -1.25
CA GLN A 18 23.34 12.95 -0.77
C GLN A 18 24.17 13.87 0.09
N ALA A 19 24.48 15.01 -0.53
CA ALA A 19 25.23 16.12 0.04
C ALA A 19 24.58 16.60 1.34
N ARG A 20 23.26 16.78 1.22
CA ARG A 20 22.38 17.27 2.29
C ARG A 20 22.33 16.41 3.54
N ILE A 21 22.16 15.09 3.34
CA ILE A 21 22.24 14.10 4.40
C ILE A 21 23.69 13.96 4.91
N LYS A 22 24.72 14.14 4.06
CA LYS A 22 26.05 14.00 4.69
C LYS A 22 26.43 15.07 5.69
N THR A 23 26.25 16.31 5.33
CA THR A 23 26.52 17.33 6.29
C THR A 23 25.69 17.22 7.55
N PHE A 24 24.44 16.79 7.41
CA PHE A 24 23.52 16.80 8.56
C PHE A 24 23.98 15.76 9.52
N ARG A 25 24.52 14.73 8.91
CA ARG A 25 24.95 13.69 9.78
C ARG A 25 26.26 14.09 10.36
N GLN A 26 27.06 14.82 9.58
CA GLN A 26 28.35 15.23 10.05
C GLN A 26 28.26 16.09 11.29
N GLN A 27 27.20 16.82 11.40
CA GLN A 27 26.99 17.61 12.56
C GLN A 27 26.12 16.93 13.60
N HIS A 28 25.20 16.06 13.19
CA HIS A 28 24.21 15.53 14.14
C HIS A 28 24.14 14.01 14.34
N GLY A 29 24.99 13.24 13.67
CA GLY A 29 24.93 11.80 13.77
C GLY A 29 24.90 11.23 15.18
N GLY A 30 25.56 11.94 16.08
CA GLY A 30 25.76 11.56 17.46
C GLY A 30 24.56 11.90 18.34
N THR A 31 23.69 12.73 17.77
CA THR A 31 22.55 13.19 18.48
C THR A 31 21.57 12.12 18.87
N ALA A 32 21.20 12.14 20.14
CA ALA A 32 20.26 11.16 20.63
C ALA A 32 18.88 11.68 20.27
N LEU A 33 18.13 10.84 19.57
CA LEU A 33 16.81 11.14 19.07
C LEU A 33 15.81 10.42 19.96
N GLY A 34 16.30 9.46 20.74
CA GLY A 34 15.37 8.77 21.60
C GLY A 34 16.02 7.68 22.44
N GLN A 35 15.23 7.11 23.35
CA GLN A 35 15.66 5.98 24.16
C GLN A 35 14.84 4.76 23.86
N ILE A 36 15.35 3.65 24.32
CA ILE A 36 14.70 2.39 24.07
C ILE A 36 14.44 1.77 25.42
N THR A 37 13.19 1.36 25.65
CA THR A 37 12.83 0.71 26.90
C THR A 37 12.52 -0.76 26.62
N VAL A 38 12.36 -1.50 27.74
CA VAL A 38 12.06 -2.94 27.74
C VAL A 38 10.69 -3.19 27.10
N ASP A 39 9.74 -2.38 27.52
CA ASP A 39 8.42 -2.42 26.96
C ASP A 39 8.39 -2.24 25.45
N MET A 40 9.25 -1.36 24.90
CA MET A 40 9.35 -1.15 23.46
C MET A 40 9.84 -2.39 22.75
N SER A 41 10.78 -3.05 23.40
CA SER A 41 11.40 -4.24 22.86
C SER A 41 10.47 -5.44 22.83
N TYR A 42 9.65 -5.57 23.88
CA TYR A 42 8.67 -6.65 24.01
C TYR A 42 7.39 -6.30 23.26
N GLY A 43 7.34 -5.00 22.93
CA GLY A 43 6.16 -4.36 22.35
C GLY A 43 6.20 -4.05 20.86
N GLY A 44 6.97 -4.75 20.05
CA GLY A 44 6.78 -4.48 18.64
C GLY A 44 7.43 -3.19 18.14
N MET A 45 8.47 -2.75 18.87
CA MET A 45 9.14 -1.48 18.62
C MET A 45 8.15 -0.34 18.72
N ARG A 46 7.09 -0.53 19.49
CA ARG A 46 6.06 0.51 19.50
C ARG A 46 6.64 1.79 20.05
N GLY A 47 6.54 2.84 19.27
CA GLY A 47 7.07 4.04 19.83
C GLY A 47 8.53 4.25 19.50
N MET A 48 9.24 3.27 18.95
CA MET A 48 10.66 3.47 18.64
C MET A 48 10.90 4.20 17.33
N LYS A 49 11.75 5.23 17.32
CA LYS A 49 12.13 5.90 16.07
C LYS A 49 13.22 5.07 15.42
N GLY A 50 12.86 4.26 14.43
CA GLY A 50 13.86 3.32 13.96
C GLY A 50 14.37 3.45 12.52
N LEU A 51 13.65 4.11 11.62
CA LEU A 51 13.98 4.07 10.21
C LEU A 51 13.94 5.44 9.64
N VAL A 52 14.72 5.71 8.57
CA VAL A 52 14.46 6.90 7.77
C VAL A 52 13.79 6.46 6.49
N TYR A 53 12.68 7.10 6.18
CA TYR A 53 11.85 6.71 5.06
C TYR A 53 11.32 8.01 4.46
N GLU A 54 11.72 8.36 3.25
CA GLU A 54 11.36 9.71 2.93
C GLU A 54 10.07 10.04 2.29
N THR A 55 9.43 9.08 1.66
CA THR A 55 8.30 9.52 0.86
C THR A 55 7.08 9.93 1.66
N SER A 56 6.89 9.43 2.87
CA SER A 56 5.72 9.86 3.55
C SER A 56 5.94 9.79 5.02
N VAL A 57 5.22 10.63 5.72
CA VAL A 57 5.40 10.68 7.17
C VAL A 57 4.04 10.65 7.82
N LEU A 58 3.84 9.83 8.84
CA LEU A 58 2.50 9.75 9.43
C LEU A 58 2.46 10.52 10.75
N ASP A 59 1.47 11.38 10.89
CA ASP A 59 1.30 12.06 12.14
C ASP A 59 0.16 11.38 12.92
N PRO A 60 0.38 11.07 14.18
CA PRO A 60 -0.54 10.38 15.08
C PRO A 60 -1.96 10.92 15.17
N ASP A 61 -1.99 12.26 15.03
CA ASP A 61 -3.23 13.04 15.06
C ASP A 61 -3.65 13.46 13.67
N GLU A 62 -2.80 14.07 12.86
CA GLU A 62 -3.34 14.50 11.58
C GLU A 62 -3.47 13.32 10.59
N GLY A 63 -2.65 12.28 10.75
CA GLY A 63 -2.67 11.25 9.70
C GLY A 63 -1.57 11.42 8.65
N ILE A 64 -1.61 10.68 7.54
CA ILE A 64 -0.50 10.60 6.57
C ILE A 64 -0.21 11.87 5.75
N ARG A 65 1.05 12.19 5.38
CA ARG A 65 1.41 13.27 4.41
C ARG A 65 2.40 12.71 3.41
N PHE A 66 2.00 12.84 2.17
CA PHE A 66 2.77 12.65 1.00
C PHE A 66 3.92 13.63 0.81
N ARG A 67 3.88 14.96 0.49
CA ARG A 67 5.28 15.52 0.73
C ARG A 67 5.14 15.66 2.19
N GLY A 68 4.58 16.84 2.30
CA GLY A 68 3.97 17.37 3.45
C GLY A 68 2.53 17.61 3.00
N PHE A 69 2.11 16.90 1.93
CA PHE A 69 0.74 17.04 1.48
C PHE A 69 -0.22 16.04 2.07
N SER A 70 -1.32 16.57 2.60
CA SER A 70 -2.36 15.72 3.13
C SER A 70 -3.12 15.14 1.99
N ILE A 71 -3.91 14.20 2.38
CA ILE A 71 -4.80 13.65 1.44
C ILE A 71 -5.72 14.70 0.82
N PRO A 72 -6.33 15.59 1.62
CA PRO A 72 -7.19 16.58 1.02
C PRO A 72 -6.42 17.48 0.02
N GLU A 73 -5.17 17.83 0.39
CA GLU A 73 -4.35 18.60 -0.53
C GLU A 73 -4.07 17.86 -1.82
N CYS A 74 -3.81 16.57 -1.73
CA CYS A 74 -3.57 15.77 -2.92
C CYS A 74 -4.78 15.78 -3.81
N GLN A 75 -5.91 15.56 -3.15
CA GLN A 75 -7.19 15.52 -3.81
C GLN A 75 -7.29 16.79 -4.66
N LYS A 76 -6.86 17.89 -4.09
CA LYS A 76 -7.00 19.02 -4.94
C LYS A 76 -5.91 19.27 -5.92
N LEU A 77 -4.66 18.92 -5.56
CA LEU A 77 -3.46 19.29 -6.34
C LEU A 77 -2.99 18.36 -7.45
N LEU A 78 -3.12 17.04 -7.27
CA LEU A 78 -2.77 16.05 -8.29
C LEU A 78 -3.72 16.12 -9.48
N PRO A 79 -3.21 15.91 -10.68
CA PRO A 79 -4.08 15.90 -11.82
C PRO A 79 -5.01 14.72 -11.84
N LYS A 80 -6.15 14.96 -12.51
CA LYS A 80 -7.27 14.05 -12.65
C LYS A 80 -7.37 13.61 -14.11
N GLY A 81 -8.07 12.49 -14.36
CA GLY A 81 -8.29 11.91 -15.70
C GLY A 81 -9.03 12.84 -16.67
N GLY A 82 -9.82 13.80 -16.14
CA GLY A 82 -10.58 14.62 -17.10
C GLY A 82 -11.07 15.91 -16.46
N GLY A 84 -13.30 12.11 -13.62
CA GLY A 84 -12.66 13.41 -13.74
C GLY A 84 -12.56 14.18 -12.42
N GLY A 85 -12.75 13.53 -11.29
CA GLY A 85 -12.62 14.27 -10.05
C GLY A 85 -11.55 13.67 -9.17
N GLU A 86 -11.21 12.44 -9.45
CA GLU A 86 -10.22 11.86 -8.57
C GLU A 86 -8.78 11.86 -9.02
N PRO A 87 -7.86 12.01 -8.07
CA PRO A 87 -6.44 12.08 -8.43
C PRO A 87 -5.92 10.77 -9.06
N LEU A 88 -5.01 10.90 -10.05
CA LEU A 88 -4.37 9.80 -10.77
C LEU A 88 -3.21 9.27 -9.91
N PRO A 89 -3.14 7.96 -9.69
CA PRO A 89 -2.07 7.44 -8.88
C PRO A 89 -0.74 7.77 -9.55
N GLU A 90 -0.73 7.81 -10.89
CA GLU A 90 0.44 8.27 -11.60
C GLU A 90 1.08 9.51 -11.02
N GLY A 91 0.26 10.49 -10.72
CA GLY A 91 0.72 11.80 -10.20
C GLY A 91 1.32 11.70 -8.80
N LEU A 92 0.63 10.94 -7.98
CA LEU A 92 1.03 10.60 -6.67
C LEU A 92 2.43 9.99 -6.74
N PHE A 93 2.59 9.11 -7.70
CA PHE A 93 3.86 8.44 -7.86
C PHE A 93 4.98 9.46 -8.11
N TRP A 94 4.74 10.41 -9.03
CA TRP A 94 5.68 11.46 -9.35
C TRP A 94 6.03 12.18 -8.08
N LEU A 95 4.98 12.49 -7.33
CA LEU A 95 5.10 13.31 -6.13
C LEU A 95 6.00 12.65 -5.11
N LEU A 96 5.74 11.38 -4.86
CA LEU A 96 6.48 10.62 -3.88
C LEU A 96 7.95 10.59 -4.24
N VAL A 97 8.21 10.32 -5.52
CA VAL A 97 9.56 10.09 -6.01
C VAL A 97 10.40 11.31 -5.93
N THR A 98 9.79 12.38 -6.41
CA THR A 98 10.43 13.66 -6.59
C THR A 98 10.19 14.73 -5.55
N GLY A 99 9.13 14.66 -4.77
CA GLY A 99 8.94 15.77 -3.83
C GLY A 99 8.11 16.88 -4.45
N GLN A 100 7.81 16.77 -5.72
CA GLN A 100 7.06 17.84 -6.31
C GLN A 100 5.77 17.38 -6.94
N ILE A 101 4.81 18.31 -7.03
CA ILE A 101 3.54 18.08 -7.73
C ILE A 101 3.76 18.14 -9.23
N PRO A 102 3.32 17.11 -9.88
CA PRO A 102 3.58 17.00 -11.28
C PRO A 102 2.60 17.78 -12.10
N THR A 103 3.01 18.09 -13.32
CA THR A 103 2.13 18.73 -14.25
C THR A 103 1.39 17.65 -14.99
N GLY A 104 0.27 18.03 -15.60
CA GLY A 104 -0.51 17.04 -16.30
C GLY A 104 0.39 16.26 -17.22
N ALA A 105 1.25 17.00 -17.89
CA ALA A 105 2.08 16.48 -18.92
C ALA A 105 3.12 15.50 -18.40
N GLN A 106 3.60 15.78 -17.16
CA GLN A 106 4.49 14.81 -16.51
C GLN A 106 3.65 13.57 -16.37
N VAL A 107 2.46 13.78 -15.85
CA VAL A 107 1.65 12.66 -15.47
C VAL A 107 1.25 11.79 -16.63
N SER A 108 0.95 12.40 -17.73
CA SER A 108 0.69 11.61 -18.89
C SER A 108 1.88 10.72 -19.27
N TRP A 109 3.10 11.15 -18.89
CA TRP A 109 4.29 10.37 -19.23
C TRP A 109 4.37 9.06 -18.44
N LEU A 110 4.08 9.12 -17.14
CA LEU A 110 3.99 7.93 -16.32
C LEU A 110 3.03 6.93 -16.92
N SER A 111 1.82 7.39 -17.22
CA SER A 111 0.84 6.55 -17.89
C SER A 111 1.46 5.89 -19.10
N LYS A 112 1.84 6.69 -20.11
CA LYS A 112 2.42 6.07 -21.29
C LYS A 112 3.55 5.07 -20.99
N GLU A 113 4.39 5.46 -20.03
CA GLU A 113 5.50 4.62 -19.62
C GLU A 113 5.08 3.31 -18.96
N TRP A 114 4.09 3.39 -18.07
CA TRP A 114 3.61 2.20 -17.42
C TRP A 114 2.79 1.39 -18.39
N ALA A 115 2.43 2.01 -19.51
CA ALA A 115 1.71 1.17 -20.43
C ALA A 115 2.70 0.40 -21.28
N LYS A 116 3.75 1.09 -21.70
CA LYS A 116 4.76 0.47 -22.54
C LYS A 116 5.38 -0.72 -21.82
N ARG A 117 5.46 -0.70 -20.50
CA ARG A 117 6.25 -1.69 -19.78
C ARG A 117 5.56 -2.97 -19.35
N ALA A 118 4.22 -2.96 -19.38
CA ALA A 118 3.28 -3.98 -18.87
C ALA A 118 3.22 -5.23 -19.73
N ALA A 119 4.08 -6.20 -19.44
CA ALA A 119 4.21 -7.39 -20.23
C ALA A 119 4.69 -8.51 -19.36
N LEU A 120 4.00 -9.57 -19.56
CA LEU A 120 4.11 -10.64 -18.69
C LEU A 120 4.77 -11.76 -19.44
N PRO A 121 5.73 -12.35 -18.77
CA PRO A 121 6.45 -13.44 -19.37
C PRO A 121 5.65 -14.69 -19.26
N SER A 122 5.87 -15.51 -20.25
CA SER A 122 5.22 -16.78 -20.35
C SER A 122 5.33 -17.71 -19.14
N HIS A 123 6.42 -17.71 -18.38
CA HIS A 123 6.41 -18.63 -17.26
C HIS A 123 5.42 -18.24 -16.15
N VAL A 124 5.26 -16.93 -16.03
CA VAL A 124 4.38 -16.36 -15.04
C VAL A 124 2.89 -16.63 -15.38
N VAL A 125 2.50 -16.42 -16.66
CA VAL A 125 1.15 -16.68 -17.17
C VAL A 125 0.80 -18.14 -16.95
N THR A 126 1.81 -18.93 -17.17
CA THR A 126 1.68 -20.33 -16.93
C THR A 126 1.32 -20.72 -15.51
N MET A 127 2.08 -20.26 -14.56
CA MET A 127 1.92 -20.62 -13.19
C MET A 127 0.53 -20.20 -12.66
N LEU A 128 0.17 -18.98 -13.05
CA LEU A 128 -1.06 -18.33 -12.60
C LEU A 128 -2.25 -19.16 -13.12
N ASP A 129 -2.18 -19.50 -14.41
CA ASP A 129 -3.15 -20.42 -14.99
C ASP A 129 -3.23 -21.81 -14.33
N ASN A 130 -2.14 -22.37 -13.80
CA ASN A 130 -2.22 -23.70 -13.18
C ASN A 130 -2.55 -23.71 -11.71
N PHE A 131 -2.51 -22.53 -11.07
CA PHE A 131 -2.76 -22.39 -9.61
C PHE A 131 -4.15 -22.92 -9.20
N PRO A 132 -4.28 -23.44 -8.00
CA PRO A 132 -5.54 -23.99 -7.56
C PRO A 132 -6.55 -22.89 -7.24
N THR A 133 -7.89 -23.09 -7.24
CA THR A 133 -8.69 -21.91 -6.85
C THR A 133 -8.78 -21.82 -5.33
N ASN A 134 -8.32 -22.82 -4.61
CA ASN A 134 -8.35 -22.58 -3.20
C ASN A 134 -7.08 -21.90 -2.74
N LEU A 135 -6.17 -21.50 -3.65
CA LEU A 135 -4.93 -20.81 -3.22
C LEU A 135 -5.32 -19.35 -3.12
N HIS A 136 -5.06 -18.77 -1.97
CA HIS A 136 -5.45 -17.41 -1.73
C HIS A 136 -4.86 -16.44 -2.74
N PRO A 137 -5.65 -15.46 -3.10
CA PRO A 137 -5.26 -14.48 -4.09
C PRO A 137 -3.97 -13.71 -3.74
N MET A 138 -3.76 -13.47 -2.43
CA MET A 138 -2.56 -12.76 -1.99
C MET A 138 -1.33 -13.63 -2.23
N SER A 139 -1.56 -14.95 -2.03
CA SER A 139 -0.59 -16.01 -2.23
C SER A 139 -0.29 -16.11 -3.69
N GLN A 140 -1.36 -16.13 -4.45
CA GLN A 140 -1.12 -16.22 -5.87
C GLN A 140 -0.34 -15.03 -6.33
N LEU A 141 -0.61 -13.89 -5.73
CA LEU A 141 0.06 -12.70 -6.17
C LEU A 141 1.54 -12.66 -5.83
N SER A 142 1.82 -12.85 -4.57
CA SER A 142 3.15 -12.90 -4.09
C SER A 142 4.07 -13.94 -4.79
N ALA A 143 3.59 -15.17 -5.06
CA ALA A 143 4.37 -16.17 -5.83
C ALA A 143 4.71 -15.68 -7.23
N ALA A 144 3.72 -15.04 -7.88
CA ALA A 144 3.90 -14.49 -9.23
C ALA A 144 4.96 -13.40 -9.28
N ILE A 145 4.98 -12.56 -8.26
CA ILE A 145 5.96 -11.50 -8.29
C ILE A 145 7.32 -12.03 -7.91
N THR A 146 7.33 -13.03 -7.05
CA THR A 146 8.62 -13.69 -6.87
C THR A 146 9.09 -14.30 -8.20
N ALA A 147 8.25 -15.11 -8.85
CA ALA A 147 8.57 -15.69 -10.13
C ALA A 147 9.03 -14.70 -11.21
N LEU A 148 8.65 -13.41 -11.09
CA LEU A 148 9.07 -12.39 -12.08
C LEU A 148 10.53 -11.97 -11.91
N ASN A 149 11.18 -12.43 -10.86
CA ASN A 149 12.51 -11.90 -10.59
C ASN A 149 13.56 -12.32 -11.63
N SER A 150 13.14 -13.31 -12.41
CA SER A 150 13.80 -13.82 -13.60
C SER A 150 14.22 -12.66 -14.44
N GLU A 151 13.36 -11.68 -14.41
CA GLU A 151 13.50 -10.61 -15.30
C GLU A 151 14.19 -9.41 -14.75
N SER A 152 14.51 -9.44 -13.45
CA SER A 152 15.11 -8.28 -12.78
C SER A 152 16.34 -7.66 -13.49
N ASN A 153 16.28 -6.35 -13.70
CA ASN A 153 17.38 -5.63 -14.33
C ASN A 153 18.45 -5.36 -13.28
N PHE A 154 18.02 -5.32 -12.03
CA PHE A 154 18.97 -5.05 -10.97
C PHE A 154 19.81 -6.29 -10.63
N ALA A 155 19.10 -7.42 -10.52
CA ALA A 155 19.62 -8.76 -10.27
C ALA A 155 20.71 -9.13 -11.28
N ARG A 156 20.52 -8.65 -12.51
CA ARG A 156 21.40 -8.89 -13.64
C ARG A 156 22.61 -8.00 -13.62
N ALA A 157 22.35 -6.75 -13.37
CA ALA A 157 23.40 -5.80 -13.22
C ALA A 157 24.34 -6.21 -12.10
N TYR A 158 23.79 -6.52 -10.94
CA TYR A 158 24.57 -6.93 -9.79
C TYR A 158 25.53 -8.07 -10.15
N ALA A 159 24.95 -9.08 -10.79
CA ALA A 159 25.60 -10.28 -11.28
C ALA A 159 26.78 -9.94 -12.13
N GLU A 160 26.55 -8.95 -12.95
CA GLU A 160 27.63 -8.38 -13.70
C GLU A 160 28.62 -7.59 -12.87
N GLY A 161 28.32 -7.21 -11.63
CA GLY A 161 29.32 -6.50 -10.85
C GLY A 161 29.38 -4.98 -11.01
N ILE A 162 28.27 -4.32 -11.32
CA ILE A 162 28.33 -2.85 -11.37
C ILE A 162 28.77 -2.30 -10.04
N LEU A 163 29.19 -1.08 -10.18
CA LEU A 163 29.57 -0.33 -9.03
C LEU A 163 28.31 0.05 -8.24
N ARG A 164 28.38 -0.04 -6.89
CA ARG A 164 27.30 0.35 -5.96
C ARG A 164 26.62 1.61 -6.35
N THR A 165 27.40 2.55 -6.82
CA THR A 165 26.85 3.85 -7.08
C THR A 165 25.67 3.92 -8.03
N LYS A 166 25.65 3.01 -8.96
CA LYS A 166 24.64 2.94 -9.97
C LYS A 166 23.46 2.05 -9.61
N TYR A 167 23.44 1.51 -8.40
CA TYR A 167 22.34 0.63 -8.04
C TYR A 167 21.01 1.32 -8.29
N TRP A 168 20.88 2.52 -7.75
CA TRP A 168 19.60 3.22 -7.88
C TRP A 168 19.03 3.25 -9.29
N GLU A 169 19.91 3.25 -10.26
CA GLU A 169 19.48 3.27 -11.64
C GLU A 169 18.74 2.06 -12.13
N MET A 170 19.20 0.88 -11.72
CA MET A 170 18.58 -0.38 -12.15
C MET A 170 17.39 -0.68 -11.25
N VAL A 171 17.46 -0.17 -10.03
CA VAL A 171 16.33 -0.33 -9.14
C VAL A 171 15.10 0.41 -9.72
N TYR A 172 15.35 1.59 -10.26
CA TYR A 172 14.31 2.39 -10.86
C TYR A 172 13.68 1.69 -12.09
N GLU A 173 14.49 1.06 -12.95
CA GLU A 173 13.95 0.35 -14.10
C GLU A 173 13.03 -0.77 -13.71
N SER A 174 13.54 -1.59 -12.81
CA SER A 174 12.78 -2.70 -12.23
C SER A 174 11.50 -2.24 -11.48
N ALA A 175 11.58 -1.18 -10.66
CA ALA A 175 10.40 -0.50 -10.10
C ALA A 175 9.35 -0.04 -11.17
N MET A 176 9.75 0.70 -12.21
CA MET A 176 8.79 1.10 -13.23
C MET A 176 8.19 -0.10 -13.97
N ASP A 177 9.00 -1.14 -14.17
CA ASP A 177 8.51 -2.34 -14.85
C ASP A 177 7.55 -3.09 -13.97
N LEU A 178 7.86 -3.10 -12.68
CA LEU A 178 7.09 -3.84 -11.71
C LEU A 178 5.71 -3.22 -11.61
N ILE A 179 5.74 -1.90 -11.43
CA ILE A 179 4.51 -1.17 -11.31
C ILE A 179 3.67 -1.37 -12.54
N ALA A 180 4.31 -1.38 -13.70
CA ALA A 180 3.63 -1.60 -14.95
C ALA A 180 2.94 -2.97 -15.02
N LYS A 181 3.60 -3.97 -14.54
CA LYS A 181 3.08 -5.32 -14.72
C LYS A 181 1.96 -5.71 -13.77
N LEU A 182 2.07 -5.16 -12.57
CA LEU A 182 1.22 -5.44 -11.45
C LEU A 182 -0.25 -5.60 -11.80
N PRO A 183 -0.85 -4.59 -12.42
CA PRO A 183 -2.24 -4.74 -12.74
C PRO A 183 -2.50 -5.92 -13.66
N CYS A 184 -1.53 -6.28 -14.51
CA CYS A 184 -1.79 -7.42 -15.37
C CYS A 184 -1.83 -8.73 -14.60
N VAL A 185 -0.96 -8.85 -13.60
CA VAL A 185 -0.89 -10.05 -12.78
C VAL A 185 -2.12 -10.13 -11.90
N ALA A 186 -2.47 -8.98 -11.35
CA ALA A 186 -3.58 -8.88 -10.43
C ALA A 186 -4.90 -9.24 -11.14
N ALA A 187 -5.02 -8.76 -12.36
CA ALA A 187 -6.23 -8.99 -13.17
C ALA A 187 -6.35 -10.41 -13.70
N LYS A 188 -5.21 -11.00 -13.99
CA LYS A 188 -5.18 -12.36 -14.43
C LYS A 188 -5.59 -13.29 -13.29
N ILE A 189 -5.23 -12.90 -12.10
CA ILE A 189 -5.67 -13.67 -10.99
C ILE A 189 -7.19 -13.55 -10.86
N TYR A 190 -7.69 -12.32 -11.02
CA TYR A 190 -9.10 -12.03 -10.86
C TYR A 190 -9.97 -12.85 -11.80
N ARG A 191 -9.61 -12.72 -13.06
CA ARG A 191 -10.19 -13.35 -14.20
C ARG A 191 -10.14 -14.87 -14.02
N ASN A 192 -8.99 -15.40 -13.64
CA ASN A 192 -8.91 -16.84 -13.42
C ASN A 192 -9.83 -17.39 -12.35
N LEU A 193 -9.83 -16.72 -11.21
CA LEU A 193 -10.57 -17.22 -10.08
C LEU A 193 -12.09 -17.03 -10.22
N TYR A 194 -12.48 -15.81 -10.67
CA TYR A 194 -13.86 -15.34 -10.71
C TYR A 194 -14.50 -15.27 -12.09
N ARG A 195 -13.71 -15.23 -13.14
CA ARG A 195 -14.27 -15.09 -14.47
C ARG A 195 -13.81 -16.15 -15.43
N ALA A 196 -13.71 -17.40 -14.97
CA ALA A 196 -13.12 -18.51 -15.73
C ALA A 196 -13.42 -18.52 -17.24
N GLY A 197 -12.36 -18.63 -18.05
CA GLY A 197 -12.49 -18.77 -19.50
C GLY A 197 -12.36 -17.47 -20.29
N SER A 198 -12.39 -16.35 -19.52
CA SER A 198 -12.29 -14.98 -20.05
C SER A 198 -10.83 -14.53 -20.15
N SER A 199 -10.52 -13.42 -20.80
CA SER A 199 -9.13 -13.02 -20.94
C SER A 199 -8.89 -11.58 -20.56
N ILE A 200 -7.75 -11.26 -19.97
CA ILE A 200 -7.56 -9.89 -19.54
C ILE A 200 -7.44 -8.91 -20.69
N GLY A 201 -7.23 -9.37 -21.90
CA GLY A 201 -7.16 -8.35 -22.94
C GLY A 201 -5.85 -7.55 -22.94
N ALA A 202 -5.84 -6.51 -23.78
CA ALA A 202 -4.70 -5.67 -24.11
C ALA A 202 -4.67 -4.37 -23.31
N ILE A 203 -3.46 -3.81 -23.16
CA ILE A 203 -3.26 -2.54 -22.45
C ILE A 203 -3.31 -1.51 -23.57
N ASP A 204 -4.01 -0.43 -23.30
CA ASP A 204 -4.20 0.65 -24.23
C ASP A 204 -3.35 1.76 -23.72
N SER A 205 -2.39 2.10 -24.54
CA SER A 205 -1.42 3.08 -24.14
C SER A 205 -2.10 4.40 -23.93
N LYS A 206 -3.32 4.53 -24.42
CA LYS A 206 -3.89 5.82 -24.29
C LYS A 206 -4.64 6.03 -22.99
N LEU A 207 -4.79 4.97 -22.21
CA LEU A 207 -5.45 5.24 -20.93
C LEU A 207 -4.49 5.33 -19.78
N ASP A 208 -5.02 5.84 -18.69
CA ASP A 208 -4.30 5.92 -17.46
C ASP A 208 -4.28 4.53 -16.81
N TRP A 209 -3.25 4.25 -16.01
CA TRP A 209 -3.07 2.96 -15.36
C TRP A 209 -4.35 2.40 -14.70
N SER A 210 -5.13 3.25 -13.97
CA SER A 210 -6.32 2.80 -13.22
C SER A 210 -7.43 2.19 -14.08
N HIS A 211 -7.69 2.90 -15.18
CA HIS A 211 -8.61 2.59 -16.24
C HIS A 211 -8.25 1.32 -17.03
N ASN A 212 -6.97 1.14 -17.32
CA ASN A 212 -6.53 -0.10 -17.97
C ASN A 212 -6.81 -1.26 -17.02
N PHE A 213 -6.52 -0.99 -15.73
CA PHE A 213 -6.74 -1.99 -14.70
C PHE A 213 -8.21 -2.38 -14.62
N THR A 214 -9.11 -1.38 -14.50
CA THR A 214 -10.55 -1.63 -14.42
C THR A 214 -11.04 -2.27 -15.71
N ASN A 215 -10.38 -1.97 -16.82
CA ASN A 215 -10.70 -2.70 -18.05
C ASN A 215 -10.36 -4.18 -17.93
N MET A 216 -9.11 -4.46 -17.51
CA MET A 216 -8.68 -5.85 -17.41
C MET A 216 -9.50 -6.60 -16.36
N LEU A 217 -9.97 -5.86 -15.34
CA LEU A 217 -10.83 -6.49 -14.36
C LEU A 217 -12.18 -6.74 -14.98
N GLY A 218 -12.59 -5.93 -15.94
CA GLY A 218 -13.89 -6.19 -16.53
C GLY A 218 -14.96 -5.25 -16.06
N TYR A 219 -14.58 -4.19 -15.38
CA TYR A 219 -15.62 -3.29 -14.95
C TYR A 219 -15.85 -2.18 -15.95
N THR A 220 -17.12 -1.81 -16.14
CA THR A 220 -17.36 -0.74 -17.08
C THR A 220 -17.80 0.57 -16.47
N ASP A 221 -18.46 0.48 -15.32
CA ASP A 221 -18.98 1.66 -14.68
C ASP A 221 -17.93 2.71 -14.57
N ALA A 222 -18.32 3.84 -15.08
CA ALA A 222 -17.50 5.00 -15.08
C ALA A 222 -17.17 5.51 -13.67
N GLN A 223 -18.04 5.32 -12.66
CA GLN A 223 -17.68 5.77 -11.29
C GLN A 223 -16.75 4.79 -10.65
N PHE A 224 -16.77 3.56 -11.14
CA PHE A 224 -15.88 2.56 -10.59
C PHE A 224 -14.43 2.97 -10.89
N THR A 225 -14.25 3.52 -12.08
CA THR A 225 -12.98 3.94 -12.54
C THR A 225 -12.42 5.02 -11.63
N GLU A 226 -13.30 5.92 -11.22
CA GLU A 226 -12.96 6.98 -10.29
C GLU A 226 -12.70 6.42 -8.89
N LEU A 227 -13.49 5.44 -8.48
CA LEU A 227 -13.19 4.80 -7.23
C LEU A 227 -11.80 4.19 -7.30
N MET A 228 -11.51 3.53 -8.40
CA MET A 228 -10.19 2.92 -8.51
C MET A 228 -9.03 3.88 -8.35
N ARG A 229 -9.13 5.02 -9.01
CA ARG A 229 -8.06 6.00 -8.98
C ARG A 229 -7.83 6.54 -7.59
N LEU A 230 -8.93 6.72 -6.91
CA LEU A 230 -8.89 7.19 -5.55
C LEU A 230 -8.27 6.12 -4.67
N TYR A 231 -8.67 4.88 -4.90
CA TYR A 231 -8.26 3.77 -4.03
C TYR A 231 -6.75 3.56 -4.06
N LEU A 232 -6.25 3.37 -5.25
CA LEU A 232 -4.85 3.18 -5.45
C LEU A 232 -3.99 4.35 -5.04
N THR A 233 -4.56 5.55 -4.91
CA THR A 233 -3.77 6.72 -4.51
C THR A 233 -3.66 6.77 -3.00
N ILE A 234 -4.80 6.59 -2.36
CA ILE A 234 -4.81 6.71 -0.92
C ILE A 234 -4.11 5.55 -0.26
N HIS A 235 -4.12 4.40 -0.92
CA HIS A 235 -3.49 3.24 -0.30
C HIS A 235 -1.97 3.21 -0.57
N SER A 236 -1.53 4.14 -1.38
CA SER A 236 -0.14 4.30 -1.82
C SER A 236 0.99 3.87 -0.85
N ASP A 237 1.09 4.67 0.21
CA ASP A 237 2.16 4.70 1.13
C ASP A 237 1.68 5.10 2.49
N HIS A 238 2.36 4.61 3.50
CA HIS A 238 1.97 5.00 4.84
C HIS A 238 3.20 4.97 5.73
N GLU A 239 4.14 5.83 5.38
CA GLU A 239 5.37 5.87 6.11
C GLU A 239 6.10 4.50 6.09
N GLY A 240 7.30 4.42 6.70
CA GLY A 240 8.19 3.26 6.62
C GLY A 240 7.99 2.11 7.59
N GLY A 241 7.36 2.39 8.74
CA GLY A 241 7.25 1.39 9.85
C GLY A 241 6.11 0.40 9.72
N ASN A 242 5.23 0.62 8.75
CA ASN A 242 4.15 -0.34 8.63
C ASN A 242 4.71 -1.67 8.13
N VAL A 243 4.10 -2.77 8.49
CA VAL A 243 4.63 -4.08 8.12
C VAL A 243 5.04 -4.24 6.65
N SER A 244 4.17 -3.89 5.72
CA SER A 244 4.54 -4.12 4.36
C SER A 244 5.71 -3.28 3.88
N ALA A 245 5.65 -1.98 4.10
CA ALA A 245 6.73 -1.08 3.73
C ALA A 245 8.03 -1.48 4.40
N HIS A 246 7.95 -1.65 5.72
CA HIS A 246 9.15 -2.05 6.43
C HIS A 246 9.78 -3.35 5.87
N THR A 247 8.96 -4.36 5.53
CA THR A 247 9.46 -5.60 4.96
C THR A 247 10.20 -5.37 3.68
N SER A 248 9.64 -4.53 2.85
CA SER A 248 10.34 -4.27 1.59
C SER A 248 11.64 -3.57 1.87
N HIS A 249 11.65 -2.66 2.87
CA HIS A 249 12.84 -1.90 3.18
C HIS A 249 13.93 -2.83 3.73
N LEU A 250 13.55 -3.70 4.67
CA LEU A 250 14.43 -4.70 5.22
C LEU A 250 15.02 -5.64 4.16
N VAL A 251 14.17 -6.24 3.33
CA VAL A 251 14.63 -7.17 2.31
C VAL A 251 15.50 -6.50 1.26
N GLY A 252 15.05 -5.33 0.86
CA GLY A 252 15.79 -4.57 -0.14
C GLY A 252 17.16 -4.14 0.35
N SER A 253 17.32 -3.95 1.68
CA SER A 253 18.60 -3.53 2.25
C SER A 253 19.72 -4.55 2.04
N ALA A 254 19.32 -5.79 1.84
CA ALA A 254 20.25 -6.90 1.66
C ALA A 254 20.64 -7.03 0.20
N LEU A 255 20.05 -6.16 -0.59
CA LEU A 255 20.26 -6.20 -2.04
C LEU A 255 19.50 -7.21 -2.89
N SER A 256 18.39 -7.75 -2.35
CA SER A 256 17.40 -8.52 -3.09
C SER A 256 16.74 -7.54 -4.05
N ASP A 257 16.54 -7.96 -5.30
CA ASP A 257 16.03 -7.03 -6.30
C ASP A 257 14.63 -6.55 -5.92
N PRO A 258 14.10 -5.56 -6.61
CA PRO A 258 12.79 -5.05 -6.24
C PRO A 258 11.63 -6.03 -6.31
N TYR A 259 11.74 -7.04 -7.16
CA TYR A 259 10.68 -8.03 -7.28
C TYR A 259 10.57 -8.82 -6.01
N LEU A 260 11.72 -9.36 -5.59
CA LEU A 260 11.72 -10.12 -4.37
C LEU A 260 11.32 -9.26 -3.19
N SER A 261 11.74 -8.01 -3.15
CA SER A 261 11.40 -7.31 -1.95
C SER A 261 9.91 -6.98 -1.89
N PHE A 262 9.30 -6.72 -3.05
CA PHE A 262 7.87 -6.43 -3.09
C PHE A 262 7.11 -7.64 -2.62
N ALA A 263 7.46 -8.83 -3.15
CA ALA A 263 6.80 -10.08 -2.81
C ALA A 263 6.74 -10.37 -1.33
N ALA A 264 7.87 -10.31 -0.65
CA ALA A 264 7.87 -10.45 0.78
C ALA A 264 6.95 -9.40 1.39
N ALA A 265 6.92 -8.18 0.79
CA ALA A 265 6.05 -7.10 1.27
C ALA A 265 4.61 -7.59 1.31
N MET A 266 4.27 -8.25 0.22
CA MET A 266 2.98 -8.87 0.12
C MET A 266 2.76 -9.92 1.20
N ASN A 267 3.74 -10.75 1.51
CA ASN A 267 3.45 -11.74 2.53
C ASN A 267 3.12 -11.07 3.86
N GLY A 268 3.64 -9.87 4.03
CA GLY A 268 3.35 -9.11 5.22
C GLY A 268 1.95 -8.47 5.11
N LEU A 269 1.56 -7.94 3.94
CA LEU A 269 0.27 -7.31 3.75
C LEU A 269 -0.90 -8.29 3.95
N ALA A 270 -0.59 -9.54 3.66
CA ALA A 270 -1.54 -10.60 3.78
C ALA A 270 -1.84 -10.93 5.20
N GLY A 271 -1.16 -10.31 6.16
CA GLY A 271 -1.48 -10.73 7.55
C GLY A 271 -2.80 -10.08 8.06
N PRO A 272 -3.60 -10.80 8.85
CA PRO A 272 -4.87 -10.24 9.35
C PRO A 272 -4.75 -8.92 10.09
N LEU A 273 -3.65 -8.76 10.80
CA LEU A 273 -3.47 -7.49 11.50
C LEU A 273 -3.07 -6.39 10.53
N HIS A 274 -2.74 -6.71 9.28
CA HIS A 274 -2.32 -5.69 8.35
C HIS A 274 -3.39 -5.50 7.28
N GLY A 275 -2.99 -5.59 6.00
CA GLY A 275 -3.92 -5.40 4.86
C GLY A 275 -5.07 -6.43 4.76
N LEU A 276 -4.88 -7.67 5.20
CA LEU A 276 -5.97 -8.63 5.10
C LEU A 276 -7.24 -8.14 5.81
N ALA A 277 -7.05 -7.15 6.70
CA ALA A 277 -8.13 -6.46 7.40
C ALA A 277 -9.23 -6.05 6.42
N ASN A 278 -8.81 -5.65 5.23
CA ASN A 278 -9.66 -5.39 4.06
C ASN A 278 -10.79 -6.34 4.02
N GLN A 279 -10.29 -7.57 4.05
CA GLN A 279 -11.11 -8.69 3.75
C GLN A 279 -11.84 -9.14 4.99
N GLU A 280 -11.14 -9.04 6.11
CA GLU A 280 -11.68 -9.44 7.38
C GLU A 280 -12.92 -8.64 7.76
N VAL A 281 -12.83 -7.35 7.47
CA VAL A 281 -13.96 -6.43 7.67
C VAL A 281 -15.21 -6.90 6.92
N LEU A 282 -15.12 -7.08 5.59
CA LEU A 282 -16.26 -7.58 4.89
C LEU A 282 -16.83 -8.86 5.46
N GLY A 283 -15.97 -9.85 5.67
CA GLY A 283 -16.43 -11.13 6.23
C GLY A 283 -17.16 -10.95 7.56
N TRP A 284 -16.68 -10.00 8.35
CA TRP A 284 -17.24 -9.78 9.65
C TRP A 284 -18.54 -9.04 9.51
N LEU A 285 -18.62 -8.18 8.50
CA LEU A 285 -19.90 -7.58 8.23
C LEU A 285 -20.84 -8.62 7.69
N ALA A 286 -20.31 -9.46 6.81
CA ALA A 286 -21.10 -10.50 6.20
C ALA A 286 -21.75 -11.46 7.21
N GLN A 287 -21.00 -11.89 8.21
CA GLN A 287 -21.51 -12.64 9.36
C GLN A 287 -22.60 -11.86 10.15
N LEU A 288 -22.24 -10.60 10.46
CA LEU A 288 -23.02 -9.68 11.26
C LEU A 288 -24.42 -9.71 10.68
N GLN A 289 -24.49 -9.38 9.41
CA GLN A 289 -25.80 -9.38 8.79
C GLN A 289 -26.50 -10.72 8.83
N LYS A 290 -25.77 -11.82 8.92
CA LYS A 290 -26.45 -13.08 8.82
C LYS A 290 -27.11 -13.44 10.13
N ALA A 291 -26.38 -13.09 11.16
CA ALA A 291 -26.81 -13.35 12.50
C ALA A 291 -27.68 -12.19 12.94
N ALA A 295 -30.82 -4.90 9.09
CA ALA A 295 -31.21 -3.70 9.81
C ALA A 295 -31.47 -3.98 11.29
N GLY A 296 -30.38 -3.94 12.07
CA GLY A 296 -30.39 -4.24 13.50
C GLY A 296 -30.27 -2.99 14.37
N ALA A 297 -30.55 -3.19 15.67
CA ALA A 297 -30.50 -2.19 16.74
C ALA A 297 -29.06 -1.88 17.16
N ASP A 298 -28.79 -0.66 17.64
CA ASP A 298 -27.49 -0.41 18.22
C ASP A 298 -27.19 -1.42 19.33
N ALA A 299 -28.19 -1.73 20.13
CA ALA A 299 -27.97 -2.67 21.19
C ALA A 299 -27.60 -4.09 20.69
N SER A 300 -28.20 -4.57 19.59
CA SER A 300 -27.87 -5.90 19.07
C SER A 300 -26.47 -5.88 18.43
N LEU A 301 -26.14 -4.71 17.90
CA LEU A 301 -24.88 -4.35 17.26
C LEU A 301 -23.82 -4.37 18.34
N ARG A 302 -24.23 -3.88 19.47
CA ARG A 302 -23.28 -3.87 20.54
C ARG A 302 -23.01 -5.27 21.13
N ASP A 303 -24.05 -6.09 21.20
CA ASP A 303 -23.90 -7.45 21.68
C ASP A 303 -22.89 -8.23 20.81
N TYR A 304 -23.05 -8.06 19.50
CA TYR A 304 -22.22 -8.68 18.49
C TYR A 304 -20.74 -8.39 18.62
N ILE A 305 -20.45 -7.08 18.73
CA ILE A 305 -19.12 -6.57 19.02
C ILE A 305 -18.56 -7.16 20.29
N TRP A 306 -19.37 -7.31 21.33
CA TRP A 306 -18.87 -7.91 22.58
C TRP A 306 -18.47 -9.36 22.47
N ASN A 307 -19.27 -10.07 21.75
CA ASN A 307 -19.03 -11.45 21.57
C ASN A 307 -17.73 -11.71 20.78
N THR A 308 -17.39 -10.81 19.84
CA THR A 308 -16.10 -10.91 19.17
C THR A 308 -15.02 -10.70 20.21
N LEU A 309 -15.08 -9.58 20.90
CA LEU A 309 -14.13 -9.30 21.93
C LEU A 309 -13.98 -10.42 22.95
N ASN A 310 -15.09 -10.92 23.45
CA ASN A 310 -15.07 -11.91 24.53
C ASN A 310 -14.45 -13.23 24.12
N SER A 311 -14.40 -13.42 22.79
CA SER A 311 -13.92 -14.64 22.17
C SER A 311 -12.43 -14.58 21.83
N GLY A 312 -11.76 -13.50 22.22
CA GLY A 312 -10.36 -13.38 21.96
C GLY A 312 -10.06 -13.11 20.48
N ARG A 313 -10.95 -12.37 19.82
CA ARG A 313 -10.71 -11.96 18.44
C ARG A 313 -10.57 -10.48 18.39
N VAL A 314 -10.14 -9.97 17.26
CA VAL A 314 -10.15 -8.54 17.14
C VAL A 314 -11.31 -8.12 16.30
N VAL A 315 -11.73 -6.90 16.54
CA VAL A 315 -12.66 -6.26 15.67
C VAL A 315 -11.83 -5.63 14.55
N PRO A 316 -11.98 -6.12 13.36
CA PRO A 316 -11.18 -5.68 12.22
C PRO A 316 -11.53 -4.28 11.76
N GLY A 317 -10.56 -3.52 11.25
CA GLY A 317 -10.85 -2.20 10.71
C GLY A 317 -10.77 -1.05 11.71
N TYR A 318 -10.49 -1.39 12.96
CA TYR A 318 -10.45 -0.39 14.06
C TYR A 318 -9.12 -0.48 14.78
N GLY A 319 -8.58 0.62 15.27
CA GLY A 319 -7.29 0.55 15.93
C GLY A 319 -6.16 0.83 14.93
N HIS A 320 -5.00 1.21 15.45
CA HIS A 320 -3.88 1.53 14.62
C HIS A 320 -2.61 1.58 15.46
N ALA A 321 -1.45 1.18 14.91
CA ALA A 321 -0.27 1.22 15.80
C ALA A 321 0.23 2.63 16.10
N VAL A 322 -0.06 3.56 15.21
CA VAL A 322 0.45 4.89 15.38
C VAL A 322 -0.66 5.96 15.42
N LEU A 323 -1.66 5.82 14.56
CA LEU A 323 -2.71 6.83 14.58
C LEU A 323 -3.44 6.79 15.87
N ARG A 324 -3.92 7.97 16.25
CA ARG A 324 -4.63 8.08 17.49
C ARG A 324 -5.97 8.75 17.31
N LYS A 325 -6.33 8.87 16.06
CA LYS A 325 -7.55 9.52 15.71
C LYS A 325 -8.10 8.81 14.48
N THR A 326 -9.30 9.16 14.05
CA THR A 326 -9.84 8.52 12.87
C THR A 326 -8.93 8.75 11.69
N ASP A 327 -8.67 7.68 10.98
CA ASP A 327 -7.85 7.75 9.79
C ASP A 327 -8.51 8.64 8.74
N PRO A 328 -7.80 9.64 8.23
CA PRO A 328 -8.28 10.48 7.17
C PRO A 328 -8.58 9.68 5.93
N ARG A 329 -8.00 8.50 5.85
CA ARG A 329 -8.25 7.67 4.68
C ARG A 329 -9.70 7.13 4.77
N TYR A 330 -10.10 6.90 6.05
CA TYR A 330 -11.45 6.44 6.40
C TYR A 330 -12.41 7.55 6.00
N THR A 331 -12.11 8.75 6.45
CA THR A 331 -12.90 9.91 6.11
C THR A 331 -13.05 10.09 4.62
N CYS A 332 -11.90 10.04 3.99
CA CYS A 332 -11.76 10.14 2.55
C CYS A 332 -12.75 9.21 1.84
N GLN A 333 -12.83 8.02 2.39
CA GLN A 333 -13.71 7.01 1.84
C GLN A 333 -15.19 7.25 2.14
N ARG A 334 -15.46 7.78 3.30
CA ARG A 334 -16.81 8.07 3.72
C ARG A 334 -17.41 9.16 2.85
N GLU A 335 -16.57 10.16 2.62
CA GLU A 335 -16.94 11.27 1.80
C GLU A 335 -17.22 10.84 0.37
N PHE A 336 -16.54 9.82 -0.13
CA PHE A 336 -16.85 9.25 -1.43
C PHE A 336 -18.19 8.51 -1.47
N ALA A 337 -18.54 7.79 -0.37
CA ALA A 337 -19.81 7.06 -0.26
C ALA A 337 -21.02 8.00 -0.20
N LEU A 338 -20.90 8.99 0.68
CA LEU A 338 -21.86 10.04 0.84
C LEU A 338 -22.16 10.69 -0.48
N LYS A 339 -21.19 10.78 -1.40
CA LYS A 339 -21.46 11.39 -2.68
C LYS A 339 -22.18 10.44 -3.60
N HIS A 340 -21.72 9.19 -3.59
CA HIS A 340 -22.07 8.22 -4.62
C HIS A 340 -22.98 7.08 -4.24
N LEU A 341 -22.92 6.64 -3.02
CA LEU A 341 -23.66 5.46 -2.68
C LEU A 341 -24.27 5.63 -1.30
N PRO A 342 -24.94 6.78 -1.14
CA PRO A 342 -25.36 7.09 0.20
C PRO A 342 -26.44 6.21 0.77
N GLY A 343 -27.22 5.52 -0.08
CA GLY A 343 -28.36 4.69 0.36
C GLY A 343 -28.00 3.22 0.54
N ASP A 344 -26.74 2.90 0.24
CA ASP A 344 -26.29 1.53 0.38
C ASP A 344 -26.42 1.04 1.80
N PRO A 345 -27.16 0.00 1.92
CA PRO A 345 -27.34 -0.61 3.20
C PRO A 345 -26.04 -1.07 3.87
N MET A 346 -25.03 -1.58 3.11
CA MET A 346 -23.73 -1.95 3.68
C MET A 346 -23.07 -0.70 4.19
N PHE A 347 -23.21 0.39 3.38
CA PHE A 347 -22.67 1.70 3.75
C PHE A 347 -23.25 2.17 5.08
N LYS A 348 -24.58 2.06 5.16
CA LYS A 348 -25.31 2.45 6.35
C LYS A 348 -24.90 1.65 7.57
N LEU A 349 -24.65 0.36 7.39
CA LEU A 349 -24.14 -0.42 8.49
C LEU A 349 -22.77 0.09 8.94
N VAL A 350 -21.87 0.37 7.98
CA VAL A 350 -20.57 0.91 8.37
C VAL A 350 -20.72 2.28 9.02
N ALA A 351 -21.73 3.06 8.61
CA ALA A 351 -21.85 4.36 9.25
C ALA A 351 -22.26 4.16 10.68
N GLN A 352 -23.14 3.18 10.86
CA GLN A 352 -23.72 2.89 12.17
C GLN A 352 -22.68 2.32 13.13
N LEU A 353 -21.72 1.61 12.58
CA LEU A 353 -20.69 0.93 13.34
C LEU A 353 -19.73 1.95 13.97
N TYR A 354 -19.49 3.00 13.18
CA TYR A 354 -18.66 4.11 13.60
C TYR A 354 -19.27 4.74 14.83
N LYS A 355 -20.60 4.65 14.93
CA LYS A 355 -21.23 5.16 16.12
C LYS A 355 -21.06 4.31 17.34
N ILE A 356 -20.90 3.01 17.15
CA ILE A 356 -20.83 2.07 18.27
C ILE A 356 -19.41 1.55 18.62
N VAL A 357 -18.74 0.88 17.68
CA VAL A 357 -17.40 0.32 17.88
C VAL A 357 -16.43 1.07 18.81
N PRO A 358 -16.17 2.33 18.50
CA PRO A 358 -15.26 3.14 19.28
C PRO A 358 -15.67 3.15 20.73
N ASN A 359 -16.96 3.41 20.96
CA ASN A 359 -17.55 3.37 22.30
C ASN A 359 -17.33 2.03 23.00
N VAL A 360 -17.56 0.93 22.29
CA VAL A 360 -17.36 -0.38 22.87
C VAL A 360 -15.87 -0.58 23.16
N LEU A 361 -15.04 -0.14 22.20
CA LEU A 361 -13.61 -0.23 22.37
C LEU A 361 -13.11 0.67 23.50
N LEU A 362 -13.77 1.80 23.76
CA LEU A 362 -13.34 2.64 24.87
C LEU A 362 -13.75 1.92 26.15
N GLU A 363 -14.93 1.31 26.09
CA GLU A 363 -15.48 0.57 27.23
C GLU A 363 -14.57 -0.53 27.67
N GLN A 364 -14.19 -1.35 26.72
CA GLN A 364 -13.31 -2.47 27.02
C GLN A 364 -12.01 -2.06 27.72
N GLY A 365 -11.46 -0.86 27.39
CA GLY A 365 -10.23 -0.34 27.91
C GLY A 365 -8.90 -0.98 27.48
N ALA A 366 -8.82 -1.59 26.28
CA ALA A 366 -7.56 -2.17 25.80
C ALA A 366 -6.90 -1.43 24.61
N ALA A 367 -7.66 -1.18 23.54
CA ALA A 367 -7.15 -0.46 22.38
C ALA A 367 -6.75 0.94 22.76
N ALA A 368 -5.49 1.24 22.50
CA ALA A 368 -4.93 2.56 22.56
C ALA A 368 -5.55 3.45 21.45
N ASN A 369 -6.04 2.92 20.35
CA ASN A 369 -6.72 3.84 19.45
C ASN A 369 -8.05 3.27 18.98
N PRO A 370 -9.17 3.77 19.52
CA PRO A 370 -10.45 3.11 19.25
C PRO A 370 -11.15 3.43 17.95
N TRP A 371 -10.56 4.30 17.14
CA TRP A 371 -11.15 4.77 15.90
C TRP A 371 -10.79 3.91 14.72
N PRO A 372 -11.54 4.00 13.65
CA PRO A 372 -11.35 3.09 12.53
C PRO A 372 -10.17 3.50 11.63
N ASN A 373 -9.60 2.52 10.92
CA ASN A 373 -8.50 2.73 10.00
C ASN A 373 -9.06 2.46 8.61
N VAL A 374 -8.29 2.81 7.59
CA VAL A 374 -8.66 2.64 6.22
C VAL A 374 -9.41 1.37 5.91
N ASP A 375 -9.08 0.31 6.58
CA ASP A 375 -9.66 -0.93 6.11
C ASP A 375 -11.13 -1.06 6.43
N ALA A 376 -11.56 -0.28 7.41
CA ALA A 376 -12.94 -0.44 7.84
C ALA A 376 -13.89 0.04 6.77
N HIS A 377 -13.39 0.87 5.83
CA HIS A 377 -14.29 1.51 4.90
C HIS A 377 -14.13 1.13 3.44
N SER A 378 -13.06 0.42 3.11
CA SER A 378 -12.77 0.18 1.73
C SER A 378 -13.60 -0.90 1.04
N GLY A 379 -13.81 -2.04 1.67
CA GLY A 379 -14.57 -3.08 1.00
C GLY A 379 -15.98 -2.68 0.61
N VAL A 380 -16.62 -1.88 1.50
CA VAL A 380 -18.03 -1.47 1.35
C VAL A 380 -18.19 -0.74 0.03
N LEU A 381 -17.17 0.04 -0.29
CA LEU A 381 -17.09 0.71 -1.57
C LEU A 381 -17.08 -0.24 -2.76
N LEU A 382 -16.23 -1.26 -2.71
CA LEU A 382 -16.03 -2.23 -3.78
C LEU A 382 -17.29 -3.04 -4.13
N GLN A 383 -17.90 -3.67 -3.09
CA GLN A 383 -19.15 -4.42 -3.04
C GLN A 383 -20.26 -3.67 -3.79
N TYR A 384 -20.33 -2.39 -3.52
CA TYR A 384 -21.35 -1.57 -4.17
C TYR A 384 -21.19 -1.61 -5.67
N TYR A 385 -19.96 -1.51 -6.14
CA TYR A 385 -19.79 -1.60 -7.55
C TYR A 385 -19.88 -3.03 -8.10
N GLY A 386 -20.14 -4.08 -7.32
CA GLY A 386 -20.27 -5.38 -7.99
C GLY A 386 -19.03 -6.23 -7.73
N MET A 387 -18.02 -5.59 -7.15
CA MET A 387 -16.86 -6.35 -6.81
C MET A 387 -17.04 -6.99 -5.47
N THR A 388 -17.78 -8.05 -5.41
CA THR A 388 -18.03 -8.59 -4.12
C THR A 388 -17.12 -9.75 -3.68
N GLU A 389 -16.04 -10.08 -4.41
CA GLU A 389 -15.21 -11.21 -3.97
C GLU A 389 -14.15 -10.70 -3.00
N MET A 390 -14.55 -10.70 -1.71
CA MET A 390 -13.82 -10.16 -0.54
C MET A 390 -12.40 -10.67 -0.37
N ASN A 391 -12.17 -11.97 -0.61
CA ASN A 391 -10.85 -12.54 -0.49
C ASN A 391 -9.89 -11.92 -1.51
N TYR A 392 -10.42 -11.08 -2.39
CA TYR A 392 -9.61 -10.42 -3.41
C TYR A 392 -9.13 -9.01 -3.04
N TYR A 393 -9.80 -8.35 -2.09
CA TYR A 393 -9.54 -6.96 -1.74
C TYR A 393 -8.09 -6.55 -1.44
N THR A 394 -7.41 -7.43 -0.72
CA THR A 394 -6.05 -7.17 -0.31
C THR A 394 -5.07 -7.06 -1.49
N VAL A 395 -5.44 -7.72 -2.58
CA VAL A 395 -4.71 -7.64 -3.83
C VAL A 395 -4.72 -6.22 -4.26
N LEU A 396 -5.88 -5.62 -4.21
CA LEU A 396 -5.96 -4.25 -4.64
C LEU A 396 -5.10 -3.37 -3.77
N PHE A 397 -5.08 -3.66 -2.45
CA PHE A 397 -4.19 -2.90 -1.54
C PHE A 397 -2.76 -3.13 -2.01
N GLY A 398 -2.45 -4.40 -2.33
CA GLY A 398 -1.14 -4.80 -2.83
C GLY A 398 -0.76 -3.93 -4.01
N VAL A 399 -1.67 -3.78 -4.95
CA VAL A 399 -1.34 -2.95 -6.07
C VAL A 399 -0.97 -1.51 -5.77
N SER A 400 -1.69 -0.88 -4.87
CA SER A 400 -1.46 0.54 -4.60
C SER A 400 -0.12 0.75 -3.93
N ARG A 401 0.12 -0.14 -2.97
CA ARG A 401 1.20 -0.11 -2.02
C ARG A 401 2.57 -0.08 -2.65
N ALA A 402 2.61 -0.73 -3.78
CA ALA A 402 3.72 -0.76 -4.69
C ALA A 402 4.14 0.66 -5.03
N LEU A 403 3.18 1.59 -5.17
CA LEU A 403 3.61 2.94 -5.47
C LEU A 403 4.51 3.53 -4.40
N GLY A 404 4.20 3.27 -3.15
CA GLY A 404 5.00 3.96 -2.15
C GLY A 404 6.28 3.21 -1.86
N VAL A 405 6.15 1.92 -1.64
CA VAL A 405 7.33 1.18 -1.28
C VAL A 405 8.42 1.18 -2.38
N LEU A 406 8.04 1.21 -3.67
CA LEU A 406 8.99 1.22 -4.75
C LEU A 406 9.58 2.64 -4.91
N ALA A 407 8.74 3.64 -4.65
CA ALA A 407 9.22 5.02 -4.77
C ALA A 407 10.31 5.22 -3.74
N GLN A 408 10.13 4.63 -2.56
CA GLN A 408 11.18 4.77 -1.56
C GLN A 408 12.39 3.91 -1.83
N LEU A 409 12.13 2.71 -2.34
CA LEU A 409 13.17 1.73 -2.54
C LEU A 409 14.26 2.34 -3.37
N ILE A 410 13.81 3.13 -4.33
CA ILE A 410 14.74 3.79 -5.22
C ILE A 410 15.61 4.79 -4.48
N TRP A 411 15.00 5.54 -3.54
CA TRP A 411 15.75 6.50 -2.73
C TRP A 411 16.76 5.84 -1.81
N SER A 412 16.36 4.78 -1.12
CA SER A 412 17.23 4.02 -0.24
C SER A 412 18.60 3.68 -0.86
N ARG A 413 18.53 2.98 -1.99
CA ARG A 413 19.69 2.58 -2.77
C ARG A 413 20.39 3.85 -3.28
N ALA A 414 19.61 4.89 -3.69
CA ALA A 414 20.24 6.14 -4.14
C ALA A 414 21.08 6.78 -3.06
N LEU A 415 20.50 6.83 -1.86
CA LEU A 415 21.25 7.37 -0.74
C LEU A 415 22.25 6.33 -0.18
N GLY A 416 22.39 5.14 -0.76
CA GLY A 416 23.24 4.17 -0.15
C GLY A 416 22.89 3.68 1.28
N PHE A 417 21.61 3.52 1.67
CA PHE A 417 21.24 2.99 3.01
C PHE A 417 21.75 1.57 3.10
N PRO A 418 22.45 1.21 4.16
CA PRO A 418 23.05 -0.12 4.30
C PRO A 418 22.10 -1.19 4.80
N LEU A 419 22.65 -2.38 5.05
CA LEU A 419 21.95 -3.53 5.60
C LEU A 419 21.13 -3.17 6.84
N GLU A 420 19.83 -3.46 6.91
CA GLU A 420 19.14 -3.17 8.18
C GLU A 420 19.43 -4.33 9.10
N ARG A 421 20.09 -4.15 10.26
CA ARG A 421 20.46 -5.31 11.06
C ARG A 421 20.64 -4.84 12.52
N PRO A 422 19.52 -4.78 13.24
CA PRO A 422 19.54 -4.36 14.62
C PRO A 422 20.03 -5.52 15.47
N LYS A 423 20.24 -5.27 16.75
CA LYS A 423 20.66 -6.28 17.72
C LYS A 423 19.41 -6.82 18.40
N SER A 424 19.39 -8.11 18.74
CA SER A 424 18.26 -8.63 19.49
C SER A 424 18.77 -9.08 20.80
N MET A 425 17.87 -9.52 21.59
CA MET A 425 18.29 -9.94 22.87
C MET A 425 17.26 -10.90 23.35
N SER A 426 17.67 -11.74 24.24
CA SER A 426 16.76 -12.68 24.75
C SER A 426 16.26 -12.18 26.07
N THR A 427 15.19 -12.76 26.57
CA THR A 427 14.71 -12.38 27.86
C THR A 427 15.76 -12.57 28.95
N ASP A 428 16.45 -13.71 28.90
CA ASP A 428 17.48 -14.02 29.91
C ASP A 428 18.54 -12.93 29.91
N GLY A 429 18.96 -12.62 28.69
CA GLY A 429 19.90 -11.58 28.38
C GLY A 429 19.49 -10.20 28.90
N LEU A 430 18.28 -9.79 28.58
CA LEU A 430 17.74 -8.56 29.07
C LEU A 430 17.63 -8.57 30.61
N ILE A 431 17.08 -9.71 31.16
CA ILE A 431 17.00 -9.94 32.60
C ILE A 431 18.37 -9.60 33.21
N ALA A 432 19.43 -10.26 32.70
CA ALA A 432 20.81 -9.91 33.04
C ALA A 432 21.26 -8.47 32.79
N LEU A 433 20.81 -7.79 31.75
CA LEU A 433 21.31 -6.45 31.50
C LEU A 433 21.09 -5.34 32.59
#